data_7FBT
#
_entry.id   7FBT
#
_cell.length_a   45.384
_cell.length_b   45.384
_cell.length_c   250.522
_cell.angle_alpha   90.000
_cell.angle_beta   90.000
_cell.angle_gamma   120.000
#
_symmetry.space_group_name_H-M   'P 32 2 1'
#
loop_
_entity.id
_entity.type
_entity.pdbx_description
1 polymer Chitinase
2 non-polymer 'MAGNESIUM ION'
3 water water
#
_entity_poly.entity_id   1
_entity_poly.type   'polypeptide(L)'
_entity_poly.pdbx_seq_one_letter_code
;GQKLSAYVVDWDLPKSIAWDKLDHIVYAFAEPTKDGELSGFTDSQLKSVVQEAHSRGKSISLSVGGWTGSLYFSDLLKSS
SSFDNFVSNLVDVVKEYDLDGLNLDWEYPNSPNGVACNSKDENDTANYLKLFKALREKLGSKTILTTAVPTAPFNDENQQ
PSTKLDDNWASTVDAFYIMAYDVNGIRDKNAGANAPLYYSPKVTGVEPTSGNDAVKAWIAAGIPAEQLVLGVPFYGRVSK
TLEPITASTGLYVPISQSSQIKGDSTDEKAADPCPNAVATYSGQYIWRTIAQEGIARNSSGWVTYWDDISKTPYAYSFSG
SKVLSFDDAASLQDKVDYAKKQGLGGVMLWSLEMDDDENTLLNALQDIRKLGHHHHHH
;
_entity_poly.pdbx_strand_id   A
#
loop_
_chem_comp.id
_chem_comp.type
_chem_comp.name
_chem_comp.formula
MG non-polymer 'MAGNESIUM ION' 'Mg 2'
#
# COMPACT_ATOMS: atom_id res chain seq x y z
N GLN A 2 -3.69 -5.31 14.21
CA GLN A 2 -2.62 -4.90 13.29
C GLN A 2 -2.34 -3.40 13.38
N LYS A 3 -1.83 -2.95 14.53
CA LYS A 3 -1.53 -1.52 14.68
C LYS A 3 -0.38 -1.11 13.77
N LEU A 4 0.63 -1.96 13.61
CA LEU A 4 1.79 -1.63 12.78
C LEU A 4 1.95 -2.72 11.72
N SER A 5 1.74 -2.35 10.46
CA SER A 5 1.94 -3.26 9.34
C SER A 5 3.14 -2.81 8.53
N ALA A 6 3.87 -3.79 7.99
CA ALA A 6 5.10 -3.53 7.27
C ALA A 6 5.05 -4.27 5.94
N TYR A 7 5.24 -3.55 4.85
CA TYR A 7 5.31 -4.19 3.55
C TYR A 7 6.70 -4.77 3.37
N VAL A 8 6.75 -5.97 2.80
CA VAL A 8 7.98 -6.56 2.28
C VAL A 8 7.74 -6.87 0.82
N VAL A 9 8.80 -6.85 0.02
CA VAL A 9 8.70 -7.02 -1.42
C VAL A 9 9.37 -8.33 -1.82
N ASP A 10 8.73 -9.02 -2.76
CA ASP A 10 9.20 -10.32 -3.20
C ASP A 10 10.61 -10.26 -3.78
N TRP A 11 10.97 -9.17 -4.45
CA TRP A 11 12.24 -9.08 -5.15
C TRP A 11 13.38 -8.60 -4.28
N ASP A 12 13.11 -8.31 -3.01
CA ASP A 12 14.15 -7.85 -2.10
C ASP A 12 13.68 -8.05 -0.67
N LEU A 13 13.46 -9.29 -0.27
CA LEU A 13 12.89 -9.60 1.02
C LEU A 13 13.83 -9.11 2.13
N PRO A 14 13.29 -8.71 3.28
CA PRO A 14 14.15 -8.47 4.43
C PRO A 14 14.81 -9.77 4.88
N LYS A 15 16.12 -9.83 4.69
CA LYS A 15 16.97 -10.91 5.19
C LYS A 15 16.60 -11.42 6.59
N SER A 16 16.16 -10.51 7.46
N SER A 16 16.15 -10.52 7.46
CA SER A 16 15.74 -10.88 8.80
CA SER A 16 15.74 -10.86 8.81
C SER A 16 14.72 -9.85 9.25
C SER A 16 14.72 -9.85 9.28
N ILE A 17 13.54 -10.32 9.66
CA ILE A 17 12.42 -9.45 10.02
C ILE A 17 12.41 -9.28 11.54
N ALA A 18 12.40 -8.02 11.98
CA ALA A 18 12.32 -7.69 13.40
C ALA A 18 10.88 -7.93 13.86
N TRP A 19 10.58 -9.20 14.13
CA TRP A 19 9.19 -9.64 14.28
C TRP A 19 8.50 -8.97 15.46
N ASP A 20 9.17 -8.91 16.62
CA ASP A 20 8.45 -8.33 17.74
C ASP A 20 8.33 -6.80 17.65
N LYS A 21 8.87 -6.18 16.61
CA LYS A 21 8.73 -4.74 16.42
C LYS A 21 7.60 -4.39 15.45
N LEU A 22 6.78 -5.38 15.08
CA LEU A 22 5.67 -5.18 14.16
C LEU A 22 4.61 -6.23 14.44
N ASP A 23 3.40 -5.97 13.92
CA ASP A 23 2.27 -6.86 14.14
C ASP A 23 1.85 -7.60 12.88
N HIS A 24 2.14 -7.05 11.71
CA HIS A 24 1.51 -7.51 10.48
C HIS A 24 2.47 -7.31 9.33
N ILE A 25 2.63 -8.36 8.53
CA ILE A 25 3.47 -8.34 7.34
C ILE A 25 2.57 -8.33 6.13
N VAL A 26 2.83 -7.43 5.18
CA VAL A 26 2.07 -7.40 3.95
C VAL A 26 3.05 -7.72 2.81
N TYR A 27 2.79 -8.82 2.10
CA TYR A 27 3.72 -9.35 1.11
C TYR A 27 3.33 -8.87 -0.28
N ALA A 28 4.23 -8.14 -0.93
CA ALA A 28 4.00 -7.51 -2.23
C ALA A 28 4.95 -8.10 -3.26
N PHE A 29 4.48 -8.36 -4.48
CA PHE A 29 3.09 -8.24 -4.89
C PHE A 29 2.71 -9.54 -5.61
N ALA A 30 1.43 -9.88 -5.59
CA ALA A 30 0.88 -10.80 -6.57
C ALA A 30 0.13 -9.96 -7.60
N GLU A 31 0.45 -10.18 -8.88
CA GLU A 31 -0.10 -9.32 -9.92
C GLU A 31 -1.23 -10.03 -10.65
N PRO A 32 -2.43 -9.46 -10.70
CA PRO A 32 -3.51 -10.07 -11.48
C PRO A 32 -3.22 -9.99 -12.97
N THR A 33 -3.36 -11.12 -13.65
CA THR A 33 -3.16 -11.17 -15.09
C THR A 33 -4.48 -10.85 -15.80
N LYS A 34 -4.40 -10.70 -17.13
CA LYS A 34 -5.60 -10.39 -17.89
C LYS A 34 -6.66 -11.45 -17.68
N ASP A 35 -6.25 -12.68 -17.37
CA ASP A 35 -7.14 -13.83 -17.28
C ASP A 35 -7.59 -14.11 -15.86
N GLY A 36 -7.28 -13.23 -14.91
CA GLY A 36 -7.65 -13.45 -13.53
C GLY A 36 -6.73 -14.36 -12.76
N GLU A 37 -5.62 -14.77 -13.35
CA GLU A 37 -4.59 -15.54 -12.67
C GLU A 37 -3.78 -14.61 -11.76
N LEU A 38 -3.02 -15.22 -10.86
CA LEU A 38 -2.04 -14.51 -10.05
C LEU A 38 -0.65 -14.81 -10.56
N SER A 39 0.25 -13.86 -10.36
CA SER A 39 1.57 -13.90 -10.99
C SER A 39 2.51 -13.00 -10.21
N GLY A 40 3.81 -13.16 -10.47
CA GLY A 40 4.80 -12.21 -10.03
C GLY A 40 5.42 -12.45 -8.66
N PHE A 41 4.88 -13.37 -7.86
CA PHE A 41 5.41 -13.62 -6.52
C PHE A 41 6.02 -15.01 -6.43
N THR A 42 6.87 -15.21 -5.42
CA THR A 42 7.68 -16.42 -5.34
C THR A 42 7.12 -17.38 -4.28
N ASP A 43 6.55 -18.46 -4.79
CA ASP A 43 5.99 -19.59 -4.07
C ASP A 43 6.75 -19.94 -2.81
N SER A 44 8.00 -20.40 -3.01
CA SER A 44 8.86 -20.77 -1.88
C SER A 44 9.01 -19.61 -0.91
N GLN A 45 9.22 -18.39 -1.42
CA GLN A 45 9.44 -17.26 -0.54
C GLN A 45 8.17 -16.92 0.24
N LEU A 46 7.02 -16.87 -0.43
CA LEU A 46 5.78 -16.56 0.27
C LEU A 46 5.46 -17.64 1.32
N LYS A 47 5.62 -18.91 0.94
CA LYS A 47 5.49 -20.01 1.88
C LYS A 47 6.37 -19.82 3.11
N SER A 48 7.65 -19.51 2.89
CA SER A 48 8.58 -19.40 4.01
C SER A 48 8.23 -18.23 4.90
N VAL A 49 7.86 -17.10 4.31
CA VAL A 49 7.53 -15.93 5.12
C VAL A 49 6.25 -16.17 5.91
N VAL A 50 5.28 -16.86 5.29
CA VAL A 50 4.06 -17.22 6.00
C VAL A 50 4.39 -18.11 7.19
N GLN A 51 5.23 -19.13 6.97
CA GLN A 51 5.59 -20.05 8.03
C GLN A 51 6.32 -19.34 9.17
N GLU A 52 7.24 -18.43 8.84
CA GLU A 52 7.97 -17.70 9.86
C GLU A 52 7.03 -16.78 10.64
N ALA A 53 6.15 -16.06 9.92
CA ALA A 53 5.20 -15.14 10.58
C ALA A 53 4.37 -15.92 11.60
N HIS A 54 3.83 -17.06 11.19
CA HIS A 54 2.95 -17.86 12.09
C HIS A 54 3.76 -18.35 13.29
N SER A 55 5.01 -18.75 13.07
CA SER A 55 5.87 -19.22 14.18
C SER A 55 6.11 -18.08 15.17
N ARG A 56 6.24 -16.84 14.68
CA ARG A 56 6.54 -15.69 15.57
C ARG A 56 5.24 -15.11 16.12
N GLY A 57 4.10 -15.74 15.81
CA GLY A 57 2.81 -15.29 16.35
C GLY A 57 2.29 -14.07 15.62
N LYS A 58 2.80 -13.83 14.41
CA LYS A 58 2.42 -12.61 13.66
C LYS A 58 1.43 -12.96 12.54
N SER A 59 0.77 -11.96 11.98
CA SER A 59 -0.17 -12.14 10.88
C SER A 59 0.48 -11.68 9.57
N ILE A 60 0.03 -12.27 8.47
CA ILE A 60 0.58 -11.96 7.16
C ILE A 60 -0.52 -11.94 6.11
N SER A 61 -0.52 -10.90 5.27
CA SER A 61 -1.42 -10.78 4.14
C SER A 61 -0.62 -10.73 2.84
N LEU A 62 -1.24 -11.16 1.76
CA LEU A 62 -0.66 -11.04 0.43
C LEU A 62 -1.24 -9.79 -0.23
N SER A 63 -0.37 -8.94 -0.74
CA SER A 63 -0.82 -7.76 -1.45
C SER A 63 -1.00 -8.08 -2.92
N VAL A 64 -2.15 -7.72 -3.47
CA VAL A 64 -2.49 -8.04 -4.84
C VAL A 64 -2.61 -6.72 -5.60
N GLY A 65 -1.76 -6.53 -6.60
CA GLY A 65 -1.82 -5.34 -7.41
C GLY A 65 -0.47 -4.64 -7.47
N GLY A 66 -0.43 -3.37 -7.03
CA GLY A 66 0.80 -2.60 -7.03
C GLY A 66 0.92 -1.71 -8.26
N TRP A 67 2.01 -0.94 -8.28
CA TRP A 67 2.15 0.11 -9.29
C TRP A 67 2.15 -0.48 -10.71
N THR A 68 2.89 -1.56 -10.94
CA THR A 68 2.94 -2.18 -12.25
C THR A 68 2.06 -3.43 -12.35
N GLY A 69 1.22 -3.67 -11.34
CA GLY A 69 0.33 -4.81 -11.31
C GLY A 69 -1.14 -4.46 -11.42
N SER A 70 -1.45 -3.24 -11.86
CA SER A 70 -2.82 -2.77 -11.89
C SER A 70 -3.36 -2.64 -13.31
N LEU A 71 -2.70 -3.26 -14.28
CA LEU A 71 -3.10 -3.13 -15.68
C LEU A 71 -4.52 -3.65 -15.92
N TYR A 72 -4.89 -4.78 -15.30
CA TYR A 72 -6.09 -5.50 -15.72
C TYR A 72 -7.19 -5.50 -14.68
N PHE A 73 -7.05 -4.73 -13.59
CA PHE A 73 -8.08 -4.73 -12.57
C PHE A 73 -9.45 -4.34 -13.14
N SER A 74 -9.51 -3.24 -13.88
CA SER A 74 -10.77 -2.77 -14.43
C SER A 74 -11.39 -3.81 -15.35
N ASP A 75 -10.63 -4.28 -16.35
CA ASP A 75 -11.12 -5.30 -17.26
C ASP A 75 -11.61 -6.52 -16.50
N LEU A 76 -10.83 -7.00 -15.54
CA LEU A 76 -11.20 -8.20 -14.79
C LEU A 76 -12.49 -8.01 -14.03
N LEU A 77 -12.67 -6.84 -13.40
CA LEU A 77 -13.79 -6.67 -12.49
C LEU A 77 -15.08 -6.30 -13.20
N LYS A 78 -15.00 -5.67 -14.38
CA LYS A 78 -16.26 -5.33 -15.06
C LYS A 78 -16.93 -6.57 -15.63
N SER A 79 -16.17 -7.42 -16.33
CA SER A 79 -16.74 -8.65 -16.87
C SER A 79 -17.21 -9.58 -15.74
N SER A 80 -17.84 -10.68 -16.12
N SER A 80 -17.84 -10.68 -16.12
CA SER A 80 -18.48 -11.55 -15.15
CA SER A 80 -18.50 -11.56 -15.16
C SER A 80 -17.60 -12.72 -14.74
C SER A 80 -17.60 -12.72 -14.75
N SER A 81 -17.32 -13.63 -15.69
CA SER A 81 -16.54 -14.81 -15.35
C SER A 81 -15.06 -14.52 -15.19
N SER A 82 -14.57 -13.38 -15.67
CA SER A 82 -13.23 -12.98 -15.28
C SER A 82 -13.22 -12.45 -13.85
N PHE A 83 -14.25 -11.69 -13.48
CA PHE A 83 -14.47 -11.33 -12.08
C PHE A 83 -14.52 -12.57 -11.21
N ASP A 84 -15.29 -13.58 -11.64
CA ASP A 84 -15.44 -14.80 -10.87
C ASP A 84 -14.14 -15.60 -10.81
N ASN A 85 -13.43 -15.69 -11.94
CA ASN A 85 -12.14 -16.36 -11.95
C ASN A 85 -11.16 -15.70 -10.99
N PHE A 86 -11.14 -14.36 -11.00
CA PHE A 86 -10.27 -13.62 -10.10
C PHE A 86 -10.64 -13.90 -8.64
N VAL A 87 -11.93 -13.83 -8.32
CA VAL A 87 -12.37 -14.07 -6.95
C VAL A 87 -11.98 -15.47 -6.51
N SER A 88 -12.18 -16.47 -7.38
CA SER A 88 -11.86 -17.85 -7.04
C SER A 88 -10.36 -18.03 -6.85
N ASN A 89 -9.53 -17.36 -7.66
CA ASN A 89 -8.08 -17.50 -7.50
C ASN A 89 -7.59 -16.78 -6.25
N LEU A 90 -8.28 -15.71 -5.84
CA LEU A 90 -7.91 -15.07 -4.58
C LEU A 90 -8.26 -15.95 -3.39
N VAL A 91 -9.46 -16.53 -3.41
CA VAL A 91 -9.82 -17.51 -2.38
C VAL A 91 -8.79 -18.65 -2.36
N ASP A 92 -8.36 -19.09 -3.54
CA ASP A 92 -7.48 -20.25 -3.64
C ASP A 92 -6.07 -19.92 -3.15
N VAL A 93 -5.60 -18.69 -3.37
CA VAL A 93 -4.28 -18.34 -2.84
C VAL A 93 -4.34 -18.19 -1.33
N VAL A 94 -5.49 -17.75 -0.80
CA VAL A 94 -5.67 -17.76 0.66
C VAL A 94 -5.58 -19.19 1.19
N LYS A 95 -6.29 -20.12 0.56
CA LYS A 95 -6.19 -21.55 0.90
C LYS A 95 -4.74 -22.04 0.88
N GLU A 96 -4.17 -22.05 -0.32
CA GLU A 96 -2.80 -22.48 -0.57
C GLU A 96 -1.80 -22.00 0.46
N TYR A 97 -1.71 -20.68 0.66
CA TYR A 97 -0.60 -20.15 1.45
C TYR A 97 -0.94 -19.91 2.90
N ASP A 98 -2.14 -20.29 3.34
CA ASP A 98 -2.49 -20.23 4.75
C ASP A 98 -2.54 -18.78 5.23
N LEU A 99 -2.94 -17.88 4.32
CA LEU A 99 -2.84 -16.44 4.55
C LEU A 99 -3.86 -15.98 5.59
N ASP A 100 -3.47 -14.96 6.36
CA ASP A 100 -4.37 -14.30 7.28
C ASP A 100 -5.19 -13.20 6.60
N GLY A 101 -4.70 -12.66 5.50
CA GLY A 101 -5.44 -11.60 4.85
C GLY A 101 -5.02 -11.43 3.41
N LEU A 102 -5.80 -10.60 2.72
CA LEU A 102 -5.47 -10.13 1.37
C LEU A 102 -5.52 -8.62 1.39
N ASN A 103 -4.50 -8.00 0.81
CA ASN A 103 -4.39 -6.55 0.70
C ASN A 103 -4.48 -6.19 -0.77
N LEU A 104 -5.52 -5.44 -1.16
CA LEU A 104 -5.77 -5.11 -2.55
C LEU A 104 -5.20 -3.74 -2.86
N ASP A 105 -4.26 -3.68 -3.80
CA ASP A 105 -3.51 -2.46 -4.12
C ASP A 105 -3.69 -2.14 -5.61
N TRP A 106 -4.89 -1.71 -5.97
CA TRP A 106 -5.19 -1.22 -7.31
C TRP A 106 -4.84 0.27 -7.39
N GLU A 107 -3.96 0.62 -8.32
CA GLU A 107 -3.49 1.99 -8.48
C GLU A 107 -3.75 2.46 -9.91
N TYR A 108 -4.92 3.04 -10.18
CA TYR A 108 -6.00 3.32 -9.22
C TYR A 108 -7.34 3.13 -9.92
N PRO A 109 -8.42 2.91 -9.17
CA PRO A 109 -9.73 2.69 -9.81
C PRO A 109 -10.18 3.89 -10.61
N ASN A 110 -10.38 3.68 -11.92
CA ASN A 110 -10.84 4.69 -12.86
C ASN A 110 -10.03 5.98 -12.72
N SER A 111 -8.74 5.87 -12.97
CA SER A 111 -7.87 7.02 -12.73
C SER A 111 -6.96 7.29 -13.91
N PRO A 112 -6.75 8.57 -14.24
CA PRO A 112 -5.69 8.92 -15.18
C PRO A 112 -4.31 8.85 -14.58
N ASN A 113 -4.23 8.82 -13.25
CA ASN A 113 -2.97 8.65 -12.55
C ASN A 113 -2.65 7.17 -12.47
N GLY A 114 -1.45 6.85 -12.04
CA GLY A 114 -1.01 5.48 -12.16
C GLY A 114 -0.40 5.22 -13.54
N VAL A 115 -0.22 3.94 -13.84
CA VAL A 115 0.37 3.55 -15.12
C VAL A 115 -0.56 3.96 -16.26
N ALA A 116 0.00 4.61 -17.27
CA ALA A 116 -0.82 5.28 -18.29
C ALA A 116 -1.79 4.33 -18.96
N CYS A 117 -1.34 3.13 -19.31
CA CYS A 117 -2.15 2.21 -20.10
C CYS A 117 -3.00 1.28 -19.24
N ASN A 118 -3.05 1.50 -17.93
CA ASN A 118 -3.98 0.77 -17.06
C ASN A 118 -5.38 0.76 -17.67
N SER A 119 -6.04 -0.39 -17.58
CA SER A 119 -7.45 -0.44 -17.93
C SER A 119 -8.24 0.41 -16.96
N LYS A 120 -9.19 1.16 -17.50
CA LYS A 120 -10.01 2.05 -16.69
C LYS A 120 -11.42 2.05 -17.24
N ASP A 121 -12.38 2.15 -16.33
CA ASP A 121 -13.79 2.13 -16.67
C ASP A 121 -14.50 3.06 -15.72
N GLU A 122 -15.63 3.62 -16.14
CA GLU A 122 -16.41 4.40 -15.18
C GLU A 122 -16.82 3.59 -13.97
N ASN A 123 -16.96 2.27 -14.07
CA ASN A 123 -17.56 1.55 -12.95
C ASN A 123 -16.50 0.98 -12.00
N ASP A 124 -15.26 1.48 -12.00
CA ASP A 124 -14.16 0.76 -11.35
C ASP A 124 -14.35 0.66 -9.83
N THR A 125 -14.78 1.76 -9.20
CA THR A 125 -14.96 1.74 -7.75
C THR A 125 -16.11 0.81 -7.35
N ALA A 126 -17.20 0.83 -8.13
CA ALA A 126 -18.33 -0.03 -7.83
C ALA A 126 -17.97 -1.51 -8.00
N ASN A 127 -17.23 -1.84 -9.06
CA ASN A 127 -16.83 -3.23 -9.26
C ASN A 127 -15.73 -3.63 -8.27
N TYR A 128 -14.93 -2.67 -7.81
CA TYR A 128 -13.94 -2.93 -6.78
C TYR A 128 -14.62 -3.31 -5.48
N LEU A 129 -15.70 -2.62 -5.14
CA LEU A 129 -16.45 -3.04 -3.97
C LEU A 129 -17.22 -4.33 -4.23
N LYS A 130 -17.69 -4.57 -5.46
CA LYS A 130 -18.20 -5.91 -5.78
C LYS A 130 -17.16 -6.96 -5.46
N LEU A 131 -15.90 -6.70 -5.83
CA LEU A 131 -14.81 -7.62 -5.53
C LEU A 131 -14.66 -7.82 -4.03
N PHE A 132 -14.71 -6.73 -3.25
CA PHE A 132 -14.50 -6.88 -1.81
C PHE A 132 -15.67 -7.59 -1.13
N LYS A 133 -16.91 -7.26 -1.50
CA LYS A 133 -18.06 -8.00 -0.99
C LYS A 133 -18.01 -9.47 -1.38
N ALA A 134 -17.60 -9.77 -2.61
CA ALA A 134 -17.43 -11.16 -3.02
C ALA A 134 -16.35 -11.84 -2.20
N LEU A 135 -15.24 -11.16 -1.92
CA LEU A 135 -14.16 -11.77 -1.15
C LEU A 135 -14.59 -12.03 0.29
N ARG A 136 -15.27 -11.06 0.92
CA ARG A 136 -15.77 -11.24 2.27
C ARG A 136 -16.77 -12.38 2.33
N GLU A 137 -17.67 -12.44 1.34
CA GLU A 137 -18.47 -13.62 1.07
C GLU A 137 -17.67 -14.91 1.12
N LYS A 138 -16.68 -15.00 0.22
CA LYS A 138 -16.05 -16.24 -0.15
C LYS A 138 -15.01 -16.73 0.83
N LEU A 139 -14.53 -15.86 1.73
CA LEU A 139 -13.37 -16.23 2.54
C LEU A 139 -13.72 -16.51 3.99
N GLY A 140 -14.80 -15.90 4.50
CA GLY A 140 -15.13 -15.99 5.91
C GLY A 140 -14.83 -14.68 6.62
N SER A 141 -15.20 -14.66 7.91
CA SER A 141 -15.05 -13.45 8.70
C SER A 141 -13.63 -13.26 9.23
N LYS A 142 -12.89 -14.35 9.42
CA LYS A 142 -11.58 -14.27 10.04
C LYS A 142 -10.49 -13.87 9.06
N THR A 143 -10.79 -13.75 7.77
CA THR A 143 -9.81 -13.28 6.80
C THR A 143 -9.73 -11.77 6.86
N ILE A 144 -8.51 -11.24 6.90
CA ILE A 144 -8.30 -9.80 6.91
C ILE A 144 -8.42 -9.27 5.48
N LEU A 145 -9.36 -8.36 5.26
CA LEU A 145 -9.50 -7.68 3.97
C LEU A 145 -9.10 -6.23 4.14
N THR A 146 -7.99 -5.85 3.51
CA THR A 146 -7.55 -4.46 3.49
C THR A 146 -7.34 -4.02 2.05
N THR A 147 -7.21 -2.70 1.89
CA THR A 147 -6.89 -2.13 0.60
C THR A 147 -5.90 -0.99 0.80
N ALA A 148 -4.95 -0.87 -0.13
CA ALA A 148 -4.04 0.25 -0.17
C ALA A 148 -4.66 1.33 -1.05
N VAL A 149 -4.80 2.54 -0.53
CA VAL A 149 -5.70 3.53 -1.12
C VAL A 149 -4.94 4.82 -1.35
N PRO A 150 -5.38 5.62 -2.31
CA PRO A 150 -4.78 6.93 -2.56
C PRO A 150 -5.23 7.96 -1.53
N THR A 151 -4.65 9.16 -1.65
CA THR A 151 -4.92 10.28 -0.74
C THR A 151 -6.33 10.82 -0.84
N ALA A 152 -7.17 10.27 -1.72
CA ALA A 152 -8.56 10.71 -1.84
C ALA A 152 -9.42 9.49 -2.12
N PRO A 153 -10.69 9.53 -1.71
CA PRO A 153 -11.59 8.40 -1.92
C PRO A 153 -11.62 7.96 -3.38
N PHE A 154 -11.87 6.66 -3.58
CA PHE A 154 -11.77 6.06 -4.91
C PHE A 154 -12.53 6.89 -5.93
N ASN A 155 -11.92 7.07 -7.10
CA ASN A 155 -12.51 7.95 -8.10
C ASN A 155 -13.91 7.53 -8.45
N ASP A 156 -14.77 8.52 -8.66
CA ASP A 156 -16.07 8.22 -9.18
C ASP A 156 -16.00 8.01 -10.69
N GLU A 157 -17.13 7.57 -11.22
CA GLU A 157 -17.51 7.54 -12.62
C GLU A 157 -17.38 8.82 -13.45
N ASN A 158 -16.84 9.91 -12.88
CA ASN A 158 -16.24 10.99 -13.67
C ASN A 158 -14.78 11.22 -13.30
N GLN A 159 -14.13 10.18 -12.77
CA GLN A 159 -12.70 10.21 -12.42
C GLN A 159 -12.39 11.27 -11.38
N GLN A 160 -13.34 11.53 -10.48
CA GLN A 160 -13.16 12.43 -9.36
C GLN A 160 -13.38 11.68 -8.05
N PRO A 161 -12.67 12.07 -6.98
CA PRO A 161 -12.80 11.34 -5.71
C PRO A 161 -14.24 11.27 -5.24
N SER A 162 -14.74 10.04 -5.07
CA SER A 162 -16.09 9.83 -4.57
C SER A 162 -16.31 10.61 -3.28
N THR A 163 -17.35 11.43 -3.27
CA THR A 163 -17.67 12.21 -2.09
C THR A 163 -18.38 11.38 -1.04
N LYS A 164 -18.93 10.24 -1.43
CA LYS A 164 -19.51 9.29 -0.48
C LYS A 164 -19.23 7.89 -0.97
N LEU A 165 -18.97 6.99 -0.03
CA LEU A 165 -18.69 5.60 -0.34
C LEU A 165 -19.76 4.73 0.26
N ASP A 166 -20.30 3.82 -0.55
CA ASP A 166 -21.07 2.68 -0.08
C ASP A 166 -20.50 2.19 1.25
N ASP A 167 -21.28 2.28 2.33
CA ASP A 167 -20.70 1.85 3.60
C ASP A 167 -20.55 0.33 3.70
N ASN A 168 -20.93 -0.41 2.67
CA ASN A 168 -20.46 -1.79 2.57
C ASN A 168 -18.95 -1.83 2.37
N TRP A 169 -18.33 -0.70 2.00
CA TRP A 169 -16.89 -0.54 2.14
C TRP A 169 -16.51 -0.73 3.60
N ALA A 170 -16.98 0.19 4.45
CA ALA A 170 -16.58 0.19 5.86
C ALA A 170 -17.04 -1.05 6.61
N SER A 171 -18.04 -1.76 6.09
CA SER A 171 -18.51 -2.98 6.75
C SER A 171 -17.93 -4.25 6.15
N THR A 172 -17.39 -4.19 4.93
CA THR A 172 -16.77 -5.33 4.28
C THR A 172 -15.26 -5.33 4.41
N VAL A 173 -14.63 -4.15 4.35
CA VAL A 173 -13.18 -4.02 4.37
C VAL A 173 -12.73 -3.69 5.79
N ASP A 174 -11.71 -4.39 6.27
CA ASP A 174 -11.23 -4.17 7.63
C ASP A 174 -10.51 -2.83 7.76
N ALA A 175 -9.51 -2.59 6.93
CA ALA A 175 -8.70 -1.38 7.07
C ALA A 175 -8.35 -0.83 5.69
N PHE A 176 -8.19 0.49 5.62
CA PHE A 176 -7.82 1.21 4.40
C PHE A 176 -6.47 1.84 4.64
N TYR A 177 -5.45 1.37 3.91
CA TYR A 177 -4.07 1.83 4.08
C TYR A 177 -3.86 3.03 3.16
N ILE A 178 -3.82 4.23 3.74
CA ILE A 178 -3.65 5.45 2.95
C ILE A 178 -2.17 5.56 2.57
N MET A 179 -1.88 5.51 1.26
CA MET A 179 -0.51 5.67 0.81
C MET A 179 -0.22 7.17 0.69
N ALA A 180 0.00 7.78 1.86
CA ALA A 180 0.29 9.21 1.97
C ALA A 180 1.79 9.43 1.79
N TYR A 181 2.24 9.13 0.57
CA TYR A 181 3.60 9.39 0.12
C TYR A 181 3.59 9.38 -1.40
N ASP A 182 4.71 9.80 -1.99
CA ASP A 182 4.75 10.17 -3.41
C ASP A 182 3.67 11.22 -3.70
N VAL A 183 3.52 12.17 -2.77
CA VAL A 183 2.57 13.24 -2.98
C VAL A 183 3.09 14.23 -4.01
N ASN A 184 4.32 14.69 -3.83
CA ASN A 184 4.90 15.69 -4.72
C ASN A 184 6.04 15.10 -5.53
N ALA A 193 7.04 18.12 -0.08
CA ALA A 193 7.36 16.97 0.76
C ALA A 193 6.91 15.66 0.09
N ASN A 194 7.68 14.60 0.31
CA ASN A 194 7.31 13.29 -0.23
C ASN A 194 6.10 12.73 0.49
N ALA A 195 6.12 12.75 1.83
CA ALA A 195 5.03 12.26 2.66
C ALA A 195 4.62 13.37 3.62
N PRO A 196 4.00 14.44 3.12
CA PRO A 196 3.64 15.55 3.99
C PRO A 196 2.51 15.19 4.92
N LEU A 197 2.64 15.60 6.18
CA LEU A 197 1.59 15.35 7.16
C LEU A 197 0.47 16.37 7.04
N TYR A 198 0.80 17.63 6.74
CA TYR A 198 -0.18 18.68 6.52
C TYR A 198 0.08 19.38 5.20
N TYR A 199 -1.01 19.79 4.56
CA TYR A 199 -0.93 20.63 3.36
C TYR A 199 -1.51 22.01 3.64
N PRO A 208 -2.08 19.52 -3.64
CA PRO A 208 -2.94 19.95 -2.53
C PRO A 208 -3.50 18.79 -1.70
N THR A 209 -2.65 17.93 -1.15
CA THR A 209 -3.11 16.92 -0.22
C THR A 209 -1.98 16.55 0.71
N SER A 210 -2.30 15.74 1.71
CA SER A 210 -1.34 15.29 2.69
C SER A 210 -2.02 14.18 3.49
N GLY A 211 -1.28 13.64 4.46
CA GLY A 211 -1.85 12.61 5.30
C GLY A 211 -3.10 13.08 6.03
N ASN A 212 -3.03 14.27 6.63
CA ASN A 212 -4.18 14.81 7.34
C ASN A 212 -5.34 15.08 6.38
N ASP A 213 -5.05 15.72 5.25
CA ASP A 213 -6.11 15.98 4.27
C ASP A 213 -6.73 14.67 3.77
N ALA A 214 -5.91 13.64 3.60
CA ALA A 214 -6.42 12.35 3.16
C ALA A 214 -7.32 11.72 4.21
N VAL A 215 -6.88 11.75 5.48
CA VAL A 215 -7.70 11.21 6.55
C VAL A 215 -9.04 11.93 6.58
N LYS A 216 -9.01 13.26 6.49
CA LYS A 216 -10.24 14.04 6.45
C LYS A 216 -11.15 13.60 5.31
N ALA A 217 -10.58 13.48 4.10
CA ALA A 217 -11.38 13.14 2.93
C ALA A 217 -12.00 11.76 3.07
N TRP A 218 -11.23 10.79 3.56
CA TRP A 218 -11.76 9.44 3.68
C TRP A 218 -12.79 9.33 4.80
N ILE A 219 -12.61 10.09 5.89
CA ILE A 219 -13.61 10.12 6.94
C ILE A 219 -14.91 10.74 6.43
N ALA A 220 -14.80 11.88 5.74
CA ALA A 220 -15.97 12.53 5.17
C ALA A 220 -16.66 11.65 4.12
N ALA A 221 -15.89 10.81 3.42
CA ALA A 221 -16.47 9.91 2.44
C ALA A 221 -17.17 8.72 3.07
N GLY A 222 -16.98 8.48 4.37
CA GLY A 222 -17.73 7.44 5.05
C GLY A 222 -16.90 6.35 5.69
N ILE A 223 -15.58 6.50 5.74
CA ILE A 223 -14.71 5.48 6.32
C ILE A 223 -14.30 5.96 7.72
N PRO A 224 -14.69 5.26 8.78
CA PRO A 224 -14.36 5.73 10.13
C PRO A 224 -12.86 5.71 10.37
N ALA A 225 -12.43 6.58 11.30
CA ALA A 225 -11.01 6.79 11.56
C ALA A 225 -10.30 5.50 11.97
N GLU A 226 -10.97 4.66 12.76
CA GLU A 226 -10.33 3.44 13.24
C GLU A 226 -10.12 2.40 12.15
N GLN A 227 -10.75 2.56 10.99
CA GLN A 227 -10.49 1.69 9.85
C GLN A 227 -9.52 2.32 8.87
N LEU A 228 -9.03 3.52 9.17
CA LEU A 228 -8.01 4.18 8.38
C LEU A 228 -6.65 3.88 8.99
N VAL A 229 -5.68 3.62 8.13
CA VAL A 229 -4.31 3.33 8.54
C VAL A 229 -3.41 4.30 7.80
N LEU A 230 -2.59 5.04 8.52
CA LEU A 230 -1.74 6.04 7.90
C LEU A 230 -0.49 5.37 7.35
N GLY A 231 -0.22 5.56 6.06
CA GLY A 231 0.95 4.96 5.44
C GLY A 231 2.13 5.91 5.42
N VAL A 232 3.29 5.38 5.79
CA VAL A 232 4.50 6.19 5.92
C VAL A 232 5.60 5.53 5.10
N PRO A 233 6.55 6.32 4.57
CA PRO A 233 7.65 5.75 3.78
C PRO A 233 8.95 5.59 4.57
N PHE A 234 9.76 4.61 4.16
CA PHE A 234 11.14 4.50 4.61
C PHE A 234 12.11 4.99 3.56
N TYR A 235 11.69 5.98 2.76
CA TYR A 235 12.49 6.54 1.68
C TYR A 235 12.05 7.99 1.46
N GLY A 236 12.86 8.68 0.65
CA GLY A 236 12.49 10.05 0.25
C GLY A 236 12.73 10.24 -1.24
N ARG A 237 12.15 11.29 -1.82
CA ARG A 237 12.31 11.56 -3.27
C ARG A 237 13.22 12.77 -3.46
N VAL A 238 14.10 12.72 -4.47
CA VAL A 238 15.00 13.87 -4.77
C VAL A 238 14.40 14.65 -5.94
N SER A 239 14.65 15.96 -6.00
CA SER A 239 14.15 16.79 -7.12
C SER A 239 15.22 17.81 -7.51
N LYS A 240 15.05 18.47 -8.67
CA LYS A 240 16.02 19.50 -9.12
C LYS A 240 15.25 20.80 -9.43
N GLN A 260 12.83 13.57 -14.41
CA GLN A 260 13.04 13.11 -13.05
C GLN A 260 14.47 12.56 -12.90
N ILE A 261 15.31 13.27 -12.15
CA ILE A 261 16.70 12.90 -11.91
C ILE A 261 16.80 11.64 -11.07
N LYS A 262 17.98 11.03 -11.05
CA LYS A 262 18.18 9.73 -10.44
C LYS A 262 18.34 9.84 -8.93
N GLY A 263 17.80 8.86 -8.20
CA GLY A 263 18.00 8.81 -6.77
C GLY A 263 19.34 8.20 -6.40
N ASP A 264 19.32 7.23 -5.49
CA ASP A 264 20.54 6.53 -5.08
C ASP A 264 20.78 5.27 -5.90
N SER A 265 21.45 4.27 -5.31
CA SER A 265 21.85 3.10 -6.07
C SER A 265 20.67 2.18 -6.40
N THR A 266 19.59 2.24 -5.61
CA THR A 266 18.40 1.46 -5.93
C THR A 266 17.50 2.12 -6.97
N ASP A 267 17.70 3.40 -7.28
CA ASP A 267 16.86 4.04 -8.28
C ASP A 267 17.41 3.68 -9.66
N GLU A 268 16.91 2.58 -10.21
CA GLU A 268 17.25 2.17 -11.57
C GLU A 268 16.21 2.72 -12.53
N LYS A 269 16.65 3.04 -13.74
CA LYS A 269 15.73 3.54 -14.76
C LYS A 269 14.80 2.41 -15.19
N ALA A 270 13.50 2.66 -15.10
CA ALA A 270 12.49 1.64 -15.30
C ALA A 270 11.30 2.23 -16.04
N ALA A 271 10.75 1.45 -16.95
CA ALA A 271 9.61 1.85 -17.76
C ALA A 271 8.36 1.11 -17.30
N ASP A 272 7.21 1.78 -17.43
CA ASP A 272 5.93 1.17 -17.10
C ASP A 272 5.62 0.07 -18.12
N PRO A 273 4.72 -0.87 -17.78
CA PRO A 273 4.37 -1.95 -18.72
C PRO A 273 3.42 -1.50 -19.82
N CYS A 274 3.85 -0.50 -20.58
CA CYS A 274 3.11 0.00 -21.74
C CYS A 274 4.05 0.04 -22.93
N PRO A 275 3.61 -0.41 -24.10
CA PRO A 275 4.50 -0.38 -25.27
C PRO A 275 5.00 1.03 -25.56
N ASN A 276 6.29 1.14 -25.89
CA ASN A 276 6.97 2.38 -26.24
C ASN A 276 7.13 3.33 -25.07
N ALA A 277 6.78 2.90 -23.85
CA ALA A 277 6.90 3.77 -22.69
C ALA A 277 8.34 4.18 -22.46
N VAL A 278 8.53 5.44 -22.10
CA VAL A 278 9.83 5.96 -21.72
C VAL A 278 10.19 5.44 -20.33
N ALA A 279 11.38 4.86 -20.23
CA ALA A 279 11.96 4.46 -18.96
C ALA A 279 12.45 5.68 -18.20
N THR A 280 12.10 5.77 -16.92
CA THR A 280 12.39 6.95 -16.11
C THR A 280 12.98 6.53 -14.77
N TYR A 281 13.49 7.50 -14.03
CA TYR A 281 13.91 7.30 -12.66
C TYR A 281 12.76 7.62 -11.71
N SER A 282 12.90 7.15 -10.48
CA SER A 282 11.95 7.50 -9.43
C SER A 282 12.44 8.65 -8.57
N GLY A 283 13.75 8.87 -8.50
CA GLY A 283 14.31 9.82 -7.57
C GLY A 283 14.44 9.30 -6.17
N GLN A 284 14.37 7.99 -5.98
CA GLN A 284 14.30 7.39 -4.66
C GLN A 284 15.66 7.37 -3.96
N TYR A 285 15.63 7.73 -2.68
CA TYR A 285 16.70 7.51 -1.71
C TYR A 285 16.10 6.74 -0.56
N ILE A 286 16.48 5.48 -0.41
CA ILE A 286 15.97 4.74 0.73
C ILE A 286 16.67 5.21 2.00
N TRP A 287 16.05 4.94 3.14
CA TRP A 287 16.55 5.47 4.41
C TRP A 287 18.00 5.07 4.65
N ARG A 288 18.42 3.95 4.08
CA ARG A 288 19.74 3.40 4.38
C ARG A 288 20.84 4.24 3.74
N THR A 289 20.59 4.74 2.52
CA THR A 289 21.50 5.68 1.90
C THR A 289 21.59 6.97 2.71
N ILE A 290 20.45 7.50 3.14
CA ILE A 290 20.44 8.71 3.97
C ILE A 290 21.24 8.49 5.25
N ALA A 291 21.04 7.34 5.89
CA ALA A 291 21.71 7.04 7.15
C ALA A 291 23.22 6.95 6.97
N GLN A 292 23.67 6.07 6.07
CA GLN A 292 25.12 5.83 5.98
C GLN A 292 25.85 6.97 5.28
N GLU A 293 25.23 7.63 4.32
CA GLU A 293 25.86 8.79 3.70
C GLU A 293 25.76 10.04 4.56
N GLY A 294 25.19 9.93 5.75
CA GLY A 294 25.11 11.05 6.68
C GLY A 294 24.27 12.21 6.18
N TRP A 306 14.50 21.34 8.46
CA TRP A 306 13.17 20.87 8.84
C TRP A 306 12.11 21.73 8.19
N ASP A 307 10.97 21.13 7.85
CA ASP A 307 9.84 21.84 7.26
C ASP A 307 8.68 21.79 8.25
N ASP A 308 8.34 22.95 8.83
CA ASP A 308 7.30 23.00 9.85
C ASP A 308 5.92 22.68 9.29
N ILE A 309 5.65 23.12 8.06
CA ILE A 309 4.30 22.99 7.49
C ILE A 309 3.94 21.52 7.31
N SER A 310 4.77 20.79 6.57
CA SER A 310 4.55 19.37 6.35
C SER A 310 5.04 18.51 7.49
N LYS A 311 5.78 19.10 8.43
CA LYS A 311 6.37 18.34 9.57
C LYS A 311 7.29 17.24 9.02
N THR A 312 8.10 17.56 8.01
CA THR A 312 9.04 16.57 7.41
C THR A 312 10.42 17.22 7.26
N PRO A 313 11.54 16.47 7.18
CA PRO A 313 12.86 17.05 6.96
C PRO A 313 13.29 17.17 5.49
N TYR A 314 14.01 18.24 5.16
CA TYR A 314 14.52 18.41 3.77
C TYR A 314 16.05 18.38 3.81
N ALA A 315 16.69 18.08 2.67
CA ALA A 315 18.16 18.07 2.60
C ALA A 315 18.60 18.57 1.22
N VAL A 323 17.46 18.74 -3.94
CA VAL A 323 16.67 18.69 -2.71
C VAL A 323 16.06 17.31 -2.45
N LEU A 324 16.35 16.76 -1.28
CA LEU A 324 15.86 15.45 -0.86
C LEU A 324 14.82 15.63 0.25
N SER A 325 13.56 15.36 -0.08
CA SER A 325 12.49 15.31 0.91
C SER A 325 12.31 13.88 1.37
N PHE A 326 12.39 13.65 2.68
CA PHE A 326 12.37 12.29 3.21
C PHE A 326 11.71 12.29 4.59
N ASP A 327 11.98 11.25 5.39
CA ASP A 327 11.38 11.06 6.70
C ASP A 327 12.42 10.45 7.65
N ASP A 328 12.52 10.98 8.86
CA ASP A 328 13.40 10.39 9.87
C ASP A 328 12.55 10.02 11.07
N ALA A 329 13.22 9.70 12.19
CA ALA A 329 12.50 9.32 13.40
C ALA A 329 11.59 10.43 13.89
N ALA A 330 11.96 11.69 13.68
CA ALA A 330 11.15 12.81 14.16
C ALA A 330 9.84 12.92 13.37
N SER A 331 9.93 12.98 12.04
CA SER A 331 8.70 13.09 11.26
C SER A 331 7.83 11.85 11.39
N LEU A 332 8.44 10.67 11.50
CA LEU A 332 7.66 9.46 11.66
C LEU A 332 6.98 9.43 13.02
N GLN A 333 7.67 9.93 14.05
CA GLN A 333 7.04 10.06 15.36
C GLN A 333 5.89 11.08 15.30
N ASP A 334 6.05 12.14 14.51
CA ASP A 334 4.95 13.09 14.31
C ASP A 334 3.76 12.43 13.63
N LYS A 335 4.03 11.57 12.66
CA LYS A 335 2.95 10.84 12.00
C LYS A 335 2.26 9.87 12.97
N VAL A 336 3.04 9.22 13.84
CA VAL A 336 2.47 8.34 14.85
C VAL A 336 1.61 9.14 15.83
N ASP A 337 2.11 10.30 16.28
CA ASP A 337 1.33 11.14 17.19
C ASP A 337 0.04 11.59 16.52
N TYR A 338 0.10 11.96 15.24
CA TYR A 338 -1.11 12.31 14.50
C TYR A 338 -2.08 11.14 14.49
N ALA A 339 -1.59 9.94 14.12
CA ALA A 339 -2.47 8.78 14.01
C ALA A 339 -3.13 8.46 15.34
N LYS A 340 -2.38 8.58 16.44
CA LYS A 340 -2.96 8.33 17.76
C LYS A 340 -4.01 9.38 18.10
N LYS A 341 -3.68 10.66 17.87
CA LYS A 341 -4.60 11.74 18.19
C LYS A 341 -5.88 11.66 17.36
N GLN A 342 -5.81 11.07 16.18
CA GLN A 342 -6.98 10.94 15.32
C GLN A 342 -7.72 9.63 15.51
N GLY A 343 -7.22 8.75 16.37
CA GLY A 343 -7.87 7.47 16.57
C GLY A 343 -7.85 6.60 15.33
N LEU A 344 -6.75 6.64 14.58
CA LEU A 344 -6.62 5.78 13.42
C LEU A 344 -6.41 4.33 13.84
N GLY A 345 -6.59 3.42 12.89
CA GLY A 345 -6.41 2.01 13.17
C GLY A 345 -4.97 1.58 13.35
N GLY A 346 -4.02 2.39 12.91
CA GLY A 346 -2.63 2.06 12.99
C GLY A 346 -1.86 2.75 11.88
N VAL A 347 -0.68 2.22 11.63
CA VAL A 347 0.16 2.72 10.56
C VAL A 347 0.72 1.52 9.80
N MET A 348 1.03 1.81 8.52
CA MET A 348 1.65 0.84 7.62
C MET A 348 2.93 1.47 7.10
N LEU A 349 3.90 0.64 6.73
CA LEU A 349 5.14 1.22 6.25
C LEU A 349 5.56 0.57 4.94
N TRP A 350 6.15 1.38 4.06
CA TRP A 350 6.69 0.93 2.77
C TRP A 350 8.13 1.42 2.65
N SER A 351 9.09 0.48 2.58
CA SER A 351 8.91 -0.94 2.84
C SER A 351 10.04 -1.37 3.78
N LEU A 352 9.91 -2.56 4.38
CA LEU A 352 10.70 -2.89 5.56
C LEU A 352 12.20 -2.96 5.25
N GLU A 353 12.57 -3.42 4.05
CA GLU A 353 13.99 -3.62 3.77
C GLU A 353 14.77 -2.32 3.70
N MET A 354 14.11 -1.16 3.62
CA MET A 354 14.79 0.11 3.48
C MET A 354 15.38 0.63 4.79
N ASP A 355 15.14 -0.03 5.91
CA ASP A 355 15.61 0.44 7.21
C ASP A 355 17.07 0.05 7.44
N ASP A 356 17.68 0.64 8.47
CA ASP A 356 19.06 0.34 8.81
C ASP A 356 19.12 -0.86 9.76
N ASP A 357 20.36 -1.27 10.10
CA ASP A 357 20.56 -2.40 10.99
C ASP A 357 20.00 -2.16 12.38
N GLU A 358 20.04 -0.92 12.85
CA GLU A 358 19.56 -0.59 14.18
C GLU A 358 18.10 -0.11 14.18
N ASN A 359 17.39 -0.34 13.08
CA ASN A 359 15.93 -0.25 13.03
C ASN A 359 15.45 1.14 13.42
N THR A 360 16.21 2.17 13.03
CA THR A 360 15.86 3.55 13.35
C THR A 360 14.40 3.85 13.03
N LEU A 361 14.03 3.62 11.76
CA LEU A 361 12.68 4.00 11.35
C LEU A 361 11.64 3.06 11.95
N LEU A 362 11.91 1.75 12.04
CA LEU A 362 10.92 0.88 12.64
C LEU A 362 10.76 1.14 14.14
N ASN A 363 11.84 1.56 14.82
CA ASN A 363 11.74 1.91 16.23
C ASN A 363 10.93 3.19 16.42
N ALA A 364 11.10 4.16 15.55
CA ALA A 364 10.37 5.42 15.68
C ALA A 364 8.86 5.25 15.55
N LEU A 365 8.36 4.07 15.17
CA LEU A 365 6.94 3.85 15.00
C LEU A 365 6.31 3.08 16.16
N GLN A 366 7.09 2.70 17.17
CA GLN A 366 6.61 1.75 18.17
C GLN A 366 5.48 2.29 19.03
N ASP A 367 5.26 3.61 19.07
CA ASP A 367 4.21 4.17 19.91
C ASP A 367 2.81 3.80 19.43
N ILE A 368 2.66 3.40 18.17
CA ILE A 368 1.34 3.00 17.68
C ILE A 368 0.91 1.66 18.24
N ARG A 369 1.85 0.86 18.75
CA ARG A 369 1.58 -0.49 19.24
C ARG A 369 2.17 -0.72 20.63
MG MG B . 3.62 1.10 -4.64
MG MG C . 2.21 -21.47 -7.48
#